data_5QGJ
#
_entry.id   5QGJ
#
_cell.length_a   126.690
_cell.length_b   126.690
_cell.length_c   41.712
_cell.angle_alpha   90.000
_cell.angle_beta   90.000
_cell.angle_gamma   120.000
#
_symmetry.space_group_name_H-M   'P 3 2 1'
#
loop_
_entity.id
_entity.type
_entity.pdbx_description
1 polymer 'Peroxisomal coenzyme A diphosphatase NUDT7'
2 non-polymer 'ACETATE ION'
3 non-polymer 'DIMETHYL SULFOXIDE'
4 non-polymer 2-ethyl-N-(2-hydroxyphenyl)butanamide
5 water water
#
_entity_poly.entity_id   1
_entity_poly.type   'polypeptide(L)'
_entity_poly.pdbx_seq_one_letter_code
;SMLDDAKARLRKYDIGGKYSHLPYNKYSVLLPLVAKEGKLHLLFTVRSEKLRRAPGEVCFPGGKRDPTDMDDAATALREA
QEEVGLR(HYP)HQVEVV(CSO)CLVPCLIDTDTLITPFVGLIDHNFQAQPNPAEVKDVFLVPLAYFLHPQVHDQHYVTR
LGHRFINHIFEYTNPEDGVTYQIKGMTANLAVLVAFIILEKKPT
;
_entity_poly.pdbx_strand_id   A
#
# COMPACT_ATOMS: atom_id res chain seq x y z
N SER A 1 -6.87 -16.33 15.00
CA SER A 1 -6.98 -16.58 13.54
C SER A 1 -5.86 -15.84 12.77
N MET A 2 -5.77 -16.11 11.46
CA MET A 2 -4.88 -15.39 10.51
C MET A 2 -5.05 -13.86 10.56
N LEU A 3 -6.28 -13.38 10.55
CA LEU A 3 -6.49 -11.92 10.47
C LEU A 3 -6.29 -11.23 11.82
N ASP A 4 -6.62 -11.95 12.89
CA ASP A 4 -6.42 -11.45 14.22
C ASP A 4 -4.96 -11.42 14.59
N ASP A 5 -4.22 -12.43 14.11
CA ASP A 5 -2.81 -12.51 14.30
C ASP A 5 -2.09 -11.32 13.58
N ALA A 6 -2.53 -11.00 12.37
CA ALA A 6 -1.95 -9.88 11.60
C ALA A 6 -2.14 -8.53 12.28
N LYS A 7 -3.38 -8.22 12.69
CA LYS A 7 -3.65 -6.97 13.39
C LYS A 7 -2.84 -6.82 14.71
N ALA A 8 -2.75 -7.87 15.48
CA ALA A 8 -2.00 -7.83 16.75
C ALA A 8 -0.47 -7.59 16.52
N ARG A 9 0.10 -8.15 15.45
CA ARG A 9 1.50 -7.86 15.07
C ARG A 9 1.63 -6.38 14.66
N LEU A 10 0.75 -5.93 13.76
CA LEU A 10 0.78 -4.56 13.23
C LEU A 10 0.68 -3.50 14.30
N ARG A 11 -0.16 -3.73 15.28
CA ARG A 11 -0.34 -2.77 16.38
C ARG A 11 0.93 -2.45 17.16
N LYS A 12 1.86 -3.41 17.26
CA LYS A 12 3.13 -3.17 17.95
C LYS A 12 4.07 -2.19 17.25
N TYR A 13 3.82 -1.83 15.98
CA TYR A 13 4.63 -0.92 15.23
C TYR A 13 3.95 0.43 14.94
N ASP A 14 2.78 0.63 15.52
CA ASP A 14 1.92 1.81 15.28
C ASP A 14 2.61 2.98 15.93
N ILE A 15 2.95 3.99 15.16
CA ILE A 15 3.45 5.20 15.82
C ILE A 15 2.33 6.21 16.19
N GLY A 16 1.10 5.97 15.72
CA GLY A 16 -0.03 6.89 15.91
C GLY A 16 0.17 8.30 15.32
N GLY A 17 -0.20 9.33 16.09
CA GLY A 17 -0.15 10.72 15.63
C GLY A 17 1.11 11.53 15.93
N LYS A 18 2.08 10.87 16.55
CA LYS A 18 3.35 11.44 16.98
C LYS A 18 3.99 12.51 16.00
N TYR A 19 4.09 12.18 14.72
CA TYR A 19 4.66 13.07 13.69
C TYR A 19 3.62 13.86 12.81
N SER A 20 2.33 13.72 13.11
CA SER A 20 1.27 14.21 12.19
C SER A 20 1.06 15.73 12.17
N HIS A 21 1.50 16.46 13.19
CA HIS A 21 1.29 17.92 13.23
C HIS A 21 2.45 18.75 12.65
N LEU A 22 3.60 18.12 12.38
CA LEU A 22 4.78 18.85 11.83
C LEU A 22 4.52 19.59 10.52
N PRO A 23 5.19 20.75 10.29
CA PRO A 23 4.75 21.64 9.15
C PRO A 23 5.27 21.26 7.79
N TYR A 24 4.93 20.06 7.30
CA TYR A 24 5.37 19.55 6.02
C TYR A 24 4.25 19.72 4.94
N ASN A 25 4.62 19.62 3.68
CA ASN A 25 3.68 19.19 2.60
C ASN A 25 3.29 17.72 2.86
N LYS A 26 2.00 17.45 3.05
CA LYS A 26 1.53 16.18 3.65
C LYS A 26 0.79 15.29 2.61
N TYR A 27 1.25 14.03 2.45
CA TYR A 27 0.57 12.96 1.61
C TYR A 27 0.40 11.74 2.48
N SER A 28 -0.67 10.92 2.22
CA SER A 28 -0.89 9.63 2.85
C SER A 28 -1.07 8.52 1.77
N VAL A 29 -0.66 7.29 2.14
CA VAL A 29 -0.89 6.07 1.36
C VAL A 29 -1.60 5.02 2.20
N LEU A 30 -2.46 4.21 1.52
CA LEU A 30 -3.11 3.06 2.14
C LEU A 30 -2.47 1.75 1.64
N LEU A 31 -2.01 0.91 2.58
CA LEU A 31 -1.45 -0.41 2.27
C LEU A 31 -2.60 -1.44 2.50
N PRO A 32 -3.29 -1.86 1.43
CA PRO A 32 -4.55 -2.63 1.60
C PRO A 32 -4.29 -4.15 1.66
N LEU A 33 -4.60 -4.75 2.78
CA LEU A 33 -4.36 -6.20 2.99
C LEU A 33 -5.66 -6.94 2.70
N VAL A 34 -5.56 -7.92 1.80
CA VAL A 34 -6.71 -8.74 1.33
C VAL A 34 -6.42 -10.22 1.63
N ALA A 35 -7.37 -10.94 2.25
CA ALA A 35 -7.24 -12.42 2.42
C ALA A 35 -7.86 -13.15 1.24
N LYS A 36 -7.10 -14.00 0.54
CA LYS A 36 -7.59 -14.83 -0.60
C LYS A 36 -6.99 -16.20 -0.48
N GLU A 37 -7.83 -17.21 -0.58
CA GLU A 37 -7.36 -18.59 -0.66
C GLU A 37 -6.46 -18.97 0.47
N GLY A 38 -6.84 -18.57 1.66
CA GLY A 38 -6.13 -18.86 2.87
C GLY A 38 -4.85 -18.04 3.13
N LYS A 39 -4.51 -17.04 2.30
CA LYS A 39 -3.24 -16.26 2.51
C LYS A 39 -3.49 -14.76 2.38
N LEU A 40 -2.57 -13.95 2.93
CA LEU A 40 -2.67 -12.50 2.81
C LEU A 40 -1.98 -11.99 1.54
N HIS A 41 -2.57 -10.96 0.93
CA HIS A 41 -2.10 -10.32 -0.27
C HIS A 41 -2.09 -8.79 -0.01
N LEU A 42 -1.23 -8.06 -0.70
CA LEU A 42 -1.33 -6.59 -0.85
C LEU A 42 -1.91 -6.19 -2.19
N LEU A 43 -2.69 -5.14 -2.19
CA LEU A 43 -3.29 -4.57 -3.39
C LEU A 43 -2.50 -3.36 -3.84
N PHE A 44 -2.12 -3.38 -5.14
CA PHE A 44 -1.39 -2.32 -5.79
C PHE A 44 -2.18 -1.73 -6.97
N THR A 45 -1.82 -0.48 -7.34
CA THR A 45 -2.34 0.18 -8.55
C THR A 45 -1.22 0.42 -9.55
N VAL A 46 -1.57 0.50 -10.83
CA VAL A 46 -0.72 1.05 -11.84
C VAL A 46 -1.29 2.41 -12.22
N ARG A 47 -0.48 3.45 -12.07
CA ARG A 47 -0.95 4.81 -12.33
C ARG A 47 -1.18 5.06 -13.84
N SER A 48 -2.20 5.84 -14.14
CA SER A 48 -2.52 6.15 -15.52
C SER A 48 -1.35 6.82 -16.23
N GLU A 49 -1.18 6.47 -17.51
CA GLU A 49 -0.11 7.04 -18.35
C GLU A 49 -0.24 8.57 -18.55
N LYS A 50 -1.42 9.12 -18.27
CA LYS A 50 -1.70 10.54 -18.43
C LYS A 50 -1.35 11.42 -17.24
N LEU A 51 -0.95 10.85 -16.10
CA LEU A 51 -0.74 11.68 -14.92
C LEU A 51 0.61 12.42 -15.00
N ARG A 52 0.64 13.60 -14.39
CA ARG A 52 1.85 14.45 -14.30
C ARG A 52 2.98 13.70 -13.61
N ARG A 53 2.70 13.21 -12.40
CA ARG A 53 3.69 12.56 -11.55
C ARG A 53 3.68 11.03 -11.72
N ALA A 54 4.82 10.48 -12.15
CA ALA A 54 5.07 9.04 -12.20
C ALA A 54 4.02 8.25 -13.00
N PRO A 55 3.78 8.65 -14.27
CA PRO A 55 2.77 7.98 -15.06
C PRO A 55 3.21 6.57 -15.28
N GLY A 56 2.28 5.61 -15.25
CA GLY A 56 2.63 4.20 -15.49
C GLY A 56 3.33 3.39 -14.39
N GLU A 57 3.60 4.01 -13.23
CA GLU A 57 4.34 3.31 -12.13
C GLU A 57 3.40 2.54 -11.19
N VAL A 58 3.93 1.50 -10.53
CA VAL A 58 3.21 0.77 -9.50
C VAL A 58 3.29 1.58 -8.19
N CYS A 59 2.14 1.81 -7.56
CA CYS A 59 2.08 2.48 -6.26
C CYS A 59 0.88 1.98 -5.42
N PHE A 60 0.91 2.24 -4.12
CA PHE A 60 -0.24 2.05 -3.27
C PHE A 60 -1.24 3.20 -3.52
N PRO A 61 -2.54 2.96 -3.27
CA PRO A 61 -3.48 4.09 -3.39
C PRO A 61 -3.08 5.22 -2.37
N GLY A 62 -3.30 6.47 -2.74
CA GLY A 62 -2.80 7.59 -1.92
C GLY A 62 -2.78 8.89 -2.66
N GLY A 63 -2.42 9.94 -1.91
CA GLY A 63 -2.37 11.29 -2.43
C GLY A 63 -2.23 12.40 -1.40
N LYS A 64 -2.45 13.64 -1.85
CA LYS A 64 -2.22 14.86 -1.04
C LYS A 64 -3.35 15.15 -0.08
N ARG A 65 -3.04 15.48 1.16
CA ARG A 65 -4.06 15.87 2.08
C ARG A 65 -4.75 17.17 1.56
N ASP A 66 -6.04 17.30 1.87
CA ASP A 66 -6.79 18.51 1.52
C ASP A 66 -7.51 19.03 2.71
N PRO A 67 -8.11 20.28 2.63
CA PRO A 67 -8.72 20.83 3.82
C PRO A 67 -9.90 20.11 4.38
N THR A 68 -10.59 19.26 3.60
CA THR A 68 -11.72 18.48 4.16
C THR A 68 -11.31 17.32 5.14
N ASP A 69 -10.08 16.84 5.02
CA ASP A 69 -9.67 15.62 5.75
C ASP A 69 -9.61 15.93 7.23
N MET A 70 -10.29 15.14 8.04
CA MET A 70 -10.20 15.25 9.52
C MET A 70 -8.79 14.94 10.07
N ASP A 71 -8.08 14.03 9.41
CA ASP A 71 -6.73 13.61 9.85
C ASP A 71 -6.03 12.90 8.68
N ASP A 72 -4.80 12.43 8.87
CA ASP A 72 -4.01 11.77 7.81
C ASP A 72 -4.62 10.46 7.30
N ALA A 73 -5.22 9.72 8.19
CA ALA A 73 -5.94 8.43 7.80
C ALA A 73 -7.10 8.74 6.81
N ALA A 74 -7.83 9.83 7.10
CA ALA A 74 -8.89 10.30 6.16
C ALA A 74 -8.39 10.57 4.77
N THR A 75 -7.22 11.18 4.62
CA THR A 75 -6.61 11.37 3.30
C THR A 75 -6.47 10.06 2.53
N ALA A 76 -5.86 9.07 3.22
CA ALA A 76 -5.65 7.77 2.60
C ALA A 76 -7.03 7.12 2.16
N LEU A 77 -8.05 7.16 3.01
CA LEU A 77 -9.38 6.59 2.69
C LEU A 77 -10.10 7.33 1.55
N ARG A 78 -10.04 8.68 1.54
CA ARG A 78 -10.59 9.48 0.42
C ARG A 78 -9.99 9.11 -0.90
N GLU A 79 -8.67 9.06 -0.91
CA GLU A 79 -7.97 8.70 -2.11
C GLU A 79 -8.23 7.28 -2.61
N ALA A 80 -8.24 6.30 -1.69
CA ALA A 80 -8.56 4.94 -2.07
C ALA A 80 -10.01 4.84 -2.71
N GLN A 81 -10.96 5.57 -2.16
CA GLN A 81 -12.35 5.61 -2.71
C GLN A 81 -12.39 6.13 -4.14
N GLU A 82 -11.74 7.29 -4.34
CA GLU A 82 -11.64 7.94 -5.64
C GLU A 82 -10.91 7.11 -6.68
N GLU A 83 -9.84 6.41 -6.30
CA GLU A 83 -9.06 5.63 -7.24
C GLU A 83 -9.59 4.25 -7.58
N VAL A 84 -10.11 3.52 -6.59
CA VAL A 84 -10.54 2.13 -6.82
C VAL A 84 -11.92 1.75 -6.28
N GLY A 85 -12.68 2.72 -5.79
CA GLY A 85 -14.05 2.52 -5.27
C GLY A 85 -14.22 1.88 -3.92
N LEU A 86 -13.11 1.80 -3.14
CA LEU A 86 -13.16 1.33 -1.75
C LEU A 86 -13.91 2.26 -0.85
N ARG A 87 -15.00 1.75 -0.26
CA ARG A 87 -15.85 2.51 0.62
C ARG A 87 -15.45 2.30 2.08
N HIS A 89 -16.96 1.55 4.93
CA HIS A 89 -17.39 0.35 5.63
C HIS A 89 -16.57 -0.88 5.17
N GLN A 90 -15.83 -0.76 4.06
CA GLN A 90 -15.05 -1.89 3.53
C GLN A 90 -13.58 -1.97 3.97
N VAL A 91 -13.17 -1.06 4.87
CA VAL A 91 -11.81 -1.01 5.37
C VAL A 91 -11.70 -0.70 6.88
N GLU A 92 -10.87 -1.47 7.56
CA GLU A 92 -10.53 -1.19 8.94
C GLU A 92 -9.03 -0.78 8.99
N VAL A 93 -8.80 0.47 9.32
CA VAL A 93 -7.46 1.03 9.50
C VAL A 93 -6.91 0.56 10.84
N VAL A 94 -5.79 -0.17 10.77
CA VAL A 94 -5.25 -0.90 11.93
C VAL A 94 -4.07 -0.14 12.55
N CYS A 96 -0.67 3.09 11.78
CA CYS A 96 0.13 4.05 11.08
C CYS A 96 1.63 3.66 11.22
N LEU A 97 2.28 3.32 10.12
CA LEU A 97 3.70 2.94 10.14
C LEU A 97 4.58 4.18 10.03
N VAL A 98 5.89 3.95 10.16
CA VAL A 98 6.86 5.04 10.08
C VAL A 98 6.76 5.86 8.80
N PRO A 99 6.74 7.19 8.93
CA PRO A 99 6.58 7.98 7.69
C PRO A 99 7.86 8.08 6.91
N CYS A 100 7.73 8.46 5.65
CA CYS A 100 8.79 8.60 4.68
C CYS A 100 9.08 10.13 4.48
N LEU A 101 10.32 10.57 4.70
CA LEU A 101 10.76 11.98 4.44
C LEU A 101 11.30 12.10 3.04
N ILE A 102 10.78 13.04 2.24
CA ILE A 102 11.33 13.31 0.88
C ILE A 102 11.49 14.77 0.55
N ASP A 103 12.47 15.06 -0.30
CA ASP A 103 12.66 16.38 -0.92
C ASP A 103 12.89 17.54 0.07
N THR A 104 13.24 17.22 1.31
CA THR A 104 13.43 18.19 2.40
C THR A 104 12.18 18.87 2.94
N ASP A 105 11.05 18.84 2.23
CA ASP A 105 9.87 19.56 2.69
C ASP A 105 8.55 18.72 2.70
N THR A 106 8.65 17.40 2.54
CA THR A 106 7.45 16.53 2.35
C THR A 106 7.53 15.30 3.25
N LEU A 107 6.38 14.94 3.82
CA LEU A 107 6.22 13.80 4.72
C LEU A 107 5.03 12.93 4.21
N ILE A 108 5.33 11.68 3.89
CA ILE A 108 4.33 10.70 3.44
C ILE A 108 4.07 9.66 4.54
N THR A 109 2.83 9.62 5.02
CA THR A 109 2.41 8.79 6.10
C THR A 109 1.64 7.53 5.58
N PRO A 110 2.17 6.31 5.86
CA PRO A 110 1.50 5.04 5.45
C PRO A 110 0.57 4.43 6.51
N PHE A 111 -0.65 4.06 6.09
CA PHE A 111 -1.61 3.39 6.96
C PHE A 111 -1.85 1.97 6.43
N VAL A 112 -1.92 0.98 7.33
CA VAL A 112 -2.27 -0.42 6.91
C VAL A 112 -3.75 -0.63 7.18
N GLY A 113 -4.46 -1.15 6.17
CA GLY A 113 -5.91 -1.35 6.25
C GLY A 113 -6.30 -2.78 5.91
N LEU A 114 -7.19 -3.40 6.69
CA LEU A 114 -7.74 -4.73 6.37
C LEU A 114 -9.01 -4.56 5.54
N ILE A 115 -9.04 -5.22 4.37
CA ILE A 115 -10.09 -5.03 3.35
C ILE A 115 -11.16 -6.13 3.44
N ASP A 116 -12.43 -5.74 3.39
CA ASP A 116 -13.57 -6.70 3.41
C ASP A 116 -13.50 -7.77 2.31
N HIS A 117 -13.81 -9.02 2.65
CA HIS A 117 -13.78 -10.10 1.65
C HIS A 117 -14.71 -9.91 0.45
N ASN A 118 -15.77 -9.10 0.53
CA ASN A 118 -16.65 -8.91 -0.67
C ASN A 118 -16.25 -7.67 -1.53
N PHE A 119 -15.13 -7.01 -1.22
CA PHE A 119 -14.74 -5.84 -2.02
C PHE A 119 -14.31 -6.29 -3.38
N GLN A 120 -14.75 -5.57 -4.40
CA GLN A 120 -14.22 -5.76 -5.77
C GLN A 120 -13.82 -4.42 -6.40
N ALA A 121 -12.58 -4.33 -6.84
CA ALA A 121 -12.03 -3.04 -7.32
C ALA A 121 -12.72 -2.57 -8.57
N GLN A 122 -13.04 -1.28 -8.60
CA GLN A 122 -13.55 -0.59 -9.78
C GLN A 122 -12.56 0.52 -10.19
N PRO A 123 -11.50 0.17 -10.95
CA PRO A 123 -10.48 1.17 -11.33
C PRO A 123 -11.08 2.41 -12.01
N ASN A 124 -10.79 3.57 -11.48
CA ASN A 124 -11.10 4.82 -12.14
C ASN A 124 -10.04 5.13 -13.25
N PRO A 125 -10.40 4.97 -14.55
CA PRO A 125 -9.39 5.07 -15.61
C PRO A 125 -8.72 6.44 -15.79
N ALA A 126 -9.28 7.49 -15.23
CA ALA A 126 -8.55 8.78 -15.23
C ALA A 126 -7.34 8.78 -14.28
N GLU A 127 -7.31 7.85 -13.31
CA GLU A 127 -6.20 7.78 -12.30
C GLU A 127 -5.40 6.50 -12.29
N VAL A 128 -6.03 5.39 -12.67
CA VAL A 128 -5.48 4.09 -12.47
C VAL A 128 -5.70 3.29 -13.78
N LYS A 129 -4.64 2.76 -14.34
CA LYS A 129 -4.67 1.89 -15.52
C LYS A 129 -4.91 0.38 -15.20
N ASP A 130 -4.56 -0.05 -13.99
CA ASP A 130 -4.68 -1.46 -13.60
C ASP A 130 -4.61 -1.53 -12.05
N VAL A 131 -5.19 -2.59 -11.50
CA VAL A 131 -5.15 -2.98 -10.08
C VAL A 131 -4.80 -4.46 -10.01
N PHE A 132 -3.91 -4.87 -9.11
CA PHE A 132 -3.51 -6.28 -8.99
C PHE A 132 -3.12 -6.64 -7.54
N LEU A 133 -3.15 -7.93 -7.23
CA LEU A 133 -2.77 -8.43 -5.90
C LEU A 133 -1.43 -9.10 -5.95
N VAL A 134 -0.64 -9.02 -4.86
CA VAL A 134 0.60 -9.82 -4.75
C VAL A 134 0.57 -10.54 -3.40
N PRO A 135 0.82 -11.88 -3.39
CA PRO A 135 0.89 -12.51 -2.07
C PRO A 135 1.98 -11.87 -1.18
N LEU A 136 1.64 -11.62 0.09
CA LEU A 136 2.55 -11.00 1.03
C LEU A 136 3.88 -11.79 1.14
N ALA A 137 3.81 -13.11 1.14
CA ALA A 137 5.00 -13.95 1.20
C ALA A 137 6.00 -13.72 0.06
N TYR A 138 5.55 -13.28 -1.11
CA TYR A 138 6.49 -12.98 -2.19
C TYR A 138 7.67 -12.05 -1.75
N PHE A 139 7.33 -11.08 -0.91
CA PHE A 139 8.28 -10.00 -0.52
C PHE A 139 9.41 -10.49 0.43
N LEU A 140 9.26 -11.73 0.92
CA LEU A 140 10.36 -12.41 1.59
C LEU A 140 11.36 -13.09 0.66
N HIS A 141 10.96 -13.46 -0.56
CA HIS A 141 11.88 -14.04 -1.55
C HIS A 141 11.55 -13.50 -2.92
N PRO A 142 11.80 -12.20 -3.11
CA PRO A 142 11.45 -11.58 -4.38
C PRO A 142 12.40 -11.94 -5.54
N GLN A 143 11.94 -11.75 -6.77
CA GLN A 143 12.81 -11.82 -7.96
C GLN A 143 13.36 -10.42 -8.26
N VAL A 144 14.65 -10.22 -7.95
CA VAL A 144 15.31 -8.90 -7.94
C VAL A 144 16.06 -8.66 -9.26
N HIS A 145 15.99 -7.43 -9.75
CA HIS A 145 16.62 -6.98 -11.01
C HIS A 145 17.29 -5.65 -10.73
N ASP A 146 18.53 -5.49 -11.17
CA ASP A 146 19.28 -4.25 -10.92
C ASP A 146 19.30 -3.29 -12.14
N GLN A 147 18.63 -2.14 -12.02
CA GLN A 147 18.56 -1.17 -13.13
C GLN A 147 19.81 -0.29 -13.17
N ILE A 158 23.48 1.57 -8.76
CA ILE A 158 22.63 0.41 -9.04
C ILE A 158 21.41 0.36 -8.09
N ASN A 159 20.26 -0.01 -8.65
CA ASN A 159 18.93 0.22 -8.06
C ASN A 159 18.11 -1.09 -8.10
N HIS A 160 17.64 -1.56 -6.94
CA HIS A 160 16.88 -2.84 -6.82
C HIS A 160 15.38 -2.74 -7.21
N ILE A 161 14.99 -3.54 -8.20
CA ILE A 161 13.64 -3.58 -8.77
C ILE A 161 13.13 -5.02 -8.61
N PHE A 162 11.92 -5.17 -8.05
CA PHE A 162 11.24 -6.48 -7.96
C PHE A 162 10.38 -6.71 -9.22
N GLU A 163 10.39 -7.93 -9.75
CA GLU A 163 9.50 -8.34 -10.86
C GLU A 163 8.55 -9.43 -10.38
N TYR A 164 7.25 -9.18 -10.52
CA TYR A 164 6.26 -10.15 -10.11
C TYR A 164 5.42 -10.50 -11.32
N THR A 165 5.27 -11.80 -11.57
CA THR A 165 4.40 -12.32 -12.65
C THR A 165 3.16 -12.98 -12.07
N ASN A 166 1.98 -12.50 -12.47
CA ASN A 166 0.72 -13.04 -12.00
C ASN A 166 0.47 -14.37 -12.73
N PRO A 167 0.42 -15.50 -12.00
CA PRO A 167 0.24 -16.82 -12.70
C PRO A 167 -1.14 -17.01 -13.36
N GLU A 168 -2.11 -16.20 -13.00
CA GLU A 168 -3.41 -16.15 -13.68
C GLU A 168 -3.32 -15.85 -15.19
N ASP A 169 -2.50 -14.85 -15.56
CA ASP A 169 -2.38 -14.34 -16.93
C ASP A 169 -0.97 -14.18 -17.51
N GLY A 170 0.08 -14.41 -16.73
CA GLY A 170 1.47 -14.22 -17.20
C GLY A 170 1.99 -12.79 -17.35
N VAL A 171 1.20 -11.84 -16.86
CA VAL A 171 1.61 -10.41 -16.86
C VAL A 171 2.64 -10.12 -15.76
N THR A 172 3.70 -9.41 -16.14
CA THR A 172 4.78 -9.02 -15.26
C THR A 172 4.66 -7.54 -14.83
N TYR A 173 4.82 -7.28 -13.54
CA TYR A 173 4.85 -5.92 -13.01
C TYR A 173 6.20 -5.66 -12.33
N GLN A 174 6.65 -4.42 -12.45
CA GLN A 174 7.85 -3.93 -11.77
C GLN A 174 7.46 -3.08 -10.55
N ILE A 175 8.03 -3.41 -9.38
CA ILE A 175 7.71 -2.70 -8.13
C ILE A 175 9.04 -2.16 -7.56
N LYS A 176 9.10 -0.86 -7.26
CA LYS A 176 10.38 -0.28 -6.81
C LYS A 176 10.20 0.87 -5.82
N GLY A 177 11.32 1.40 -5.31
CA GLY A 177 11.28 2.64 -4.49
C GLY A 177 10.56 2.49 -3.14
N MET A 178 9.90 3.57 -2.71
CA MET A 178 9.15 3.58 -1.45
C MET A 178 8.09 2.44 -1.40
N THR A 179 7.44 2.20 -2.53
CA THR A 179 6.40 1.17 -2.63
C THR A 179 7.00 -0.21 -2.27
N ALA A 180 8.12 -0.56 -2.92
CA ALA A 180 8.81 -1.84 -2.64
C ALA A 180 9.32 -1.93 -1.22
N ASN A 181 9.85 -0.81 -0.68
CA ASN A 181 10.34 -0.79 0.71
C ASN A 181 9.24 -1.03 1.74
N LEU A 182 8.08 -0.41 1.54
CA LEU A 182 6.94 -0.59 2.47
C LEU A 182 6.35 -2.00 2.42
N ALA A 183 6.35 -2.57 1.22
CA ALA A 183 5.86 -3.97 1.07
C ALA A 183 6.68 -4.95 1.86
N VAL A 184 8.01 -4.79 1.81
CA VAL A 184 8.92 -5.67 2.53
C VAL A 184 8.74 -5.47 4.02
N LEU A 185 8.60 -4.22 4.47
CA LEU A 185 8.38 -3.95 5.88
C LEU A 185 7.11 -4.68 6.44
N VAL A 186 5.97 -4.56 5.74
CA VAL A 186 4.73 -5.21 6.17
C VAL A 186 4.88 -6.76 6.19
N ALA A 187 5.51 -7.33 5.15
CA ALA A 187 5.80 -8.77 5.14
C ALA A 187 6.60 -9.23 6.38
N PHE A 188 7.67 -8.50 6.71
CA PHE A 188 8.46 -8.84 7.90
C PHE A 188 7.62 -8.78 9.18
N ILE A 189 6.87 -7.69 9.36
CA ILE A 189 6.05 -7.52 10.57
C ILE A 189 5.10 -8.70 10.79
N ILE A 190 4.41 -9.07 9.72
CA ILE A 190 3.29 -10.03 9.81
C ILE A 190 3.77 -11.50 9.76
N LEU A 191 4.78 -11.79 8.95
CA LEU A 191 5.22 -13.16 8.69
C LEU A 191 6.49 -13.65 9.44
N GLU A 192 7.32 -12.77 9.99
CA GLU A 192 8.50 -13.27 10.72
C GLU A 192 8.13 -14.21 11.87
N LYS A 193 9.00 -15.18 12.11
CA LYS A 193 8.90 -16.06 13.28
C LYS A 193 7.53 -16.68 13.45
N LYS A 194 7.09 -17.48 12.47
CA LYS A 194 5.77 -18.17 12.54
C LYS A 194 5.96 -19.68 12.38
N PRO A 195 5.37 -20.49 13.30
CA PRO A 195 5.28 -21.96 13.07
C PRO A 195 4.47 -22.28 11.79
N THR A 196 4.77 -23.39 11.08
CA THR A 196 4.17 -23.65 9.75
C THR A 196 2.84 -24.47 9.73
#